data_4JYF
#
_entry.id   4JYF
#
_cell.length_a   50.641
_cell.length_b   78.762
_cell.length_c   86.088
_cell.angle_alpha   90.00
_cell.angle_beta   90.00
_cell.angle_gamma   90.00
#
_symmetry.space_group_name_H-M   'P 21 21 21'
#
loop_
_entity.id
_entity.type
_entity.pdbx_description
1 polymer 'FEFE-HYDROGENASE MATURASE'
2 non-polymer 'IRON/SULFUR CLUSTER'
3 non-polymer S-ADENOSYL-L-HOMOCYSTEINE
4 non-polymer CHAPSO
5 non-polymer 'HYDROSULFURIC ACID'
6 non-polymer 'CHLORIDE ION'
7 non-polymer 'CARBONATE ION'
8 water water
#
_entity_poly.entity_id   1
_entity_poly.type   'polypeptide(L)'
_entity_poly.pdbx_seq_one_letter_code
;MTGREILEKLERREFTREVLKEALSINDRGFNEALFKLADEIRRKYVGDEVHIRAIIEFSNVCRKNCLYCGLRRDNKNLK
RYRMTPEEIVERARLAVQFGAKTIVLQSGEDPY(OTY)MPDVISDIVKEIKKMGVAVTLSLGEWPREYYEKWKEAGADRY
LLRHETANPVLHRKLRPDTSFENRLN(CSO)LLTLKELGYETGAGSMVGLPGQTIDDLVDDLLFLKEHDFDMVGIGPFIP
HPDTPLANEKKGDFTLTLKMVALTRILLPDSNIPATTAMGTIVPGGREITLRCGANVIMPNWTPSPYRQLYQLYPGKICV
FEKDTACIP(CSO)VMKMIELLGRKPGRDWGGRKRVFETV
;
_entity_poly.pdbx_strand_id   A
#
# COMPACT_ATOMS: atom_id res chain seq x y z
N MET A 1 -29.34 6.63 7.98
CA MET A 1 -30.29 6.49 6.83
C MET A 1 -30.33 5.03 6.40
N THR A 2 -31.26 4.67 5.50
CA THR A 2 -31.26 3.33 4.91
C THR A 2 -30.06 3.16 3.98
N GLY A 3 -29.73 1.90 3.69
CA GLY A 3 -28.67 1.60 2.74
C GLY A 3 -28.88 2.34 1.43
N ARG A 4 -30.10 2.29 0.90
CA ARG A 4 -30.40 2.93 -0.38
C ARG A 4 -30.08 4.41 -0.37
N GLU A 5 -30.41 5.09 0.73
CA GLU A 5 -30.16 6.53 0.80
C GLU A 5 -28.68 6.85 0.97
N ILE A 6 -27.95 6.02 1.71
CA ILE A 6 -26.49 6.19 1.80
C ILE A 6 -25.84 6.03 0.41
N LEU A 7 -26.23 5.00 -0.33
CA LEU A 7 -25.74 4.83 -1.69
C LEU A 7 -26.03 6.03 -2.56
N GLU A 8 -27.25 6.56 -2.45
CA GLU A 8 -27.62 7.72 -3.23
C GLU A 8 -26.75 8.92 -2.90
N LYS A 9 -26.48 9.14 -1.62
CA LYS A 9 -25.59 10.24 -1.22
C LYS A 9 -24.14 10.02 -1.69
N LEU A 10 -23.65 8.79 -1.59
CA LEU A 10 -22.34 8.47 -2.19
C LEU A 10 -22.30 8.72 -3.69
N GLU A 11 -23.37 8.32 -4.40
CA GLU A 11 -23.44 8.55 -5.84
C GLU A 11 -23.50 10.03 -6.20
N ARG A 12 -24.09 10.83 -5.31
CA ARG A 12 -24.14 12.29 -5.49
C ARG A 12 -22.93 12.98 -4.86
N ARG A 13 -22.06 12.21 -4.21
CA ARG A 13 -20.82 12.74 -3.60
C ARG A 13 -21.05 13.68 -2.46
N GLU A 14 -22.01 13.31 -1.63
CA GLU A 14 -22.28 13.98 -0.36
C GLU A 14 -21.46 13.20 0.65
N PHE A 15 -20.16 13.48 0.66
CA PHE A 15 -19.22 12.70 1.47
C PHE A 15 -19.09 13.29 2.85
N THR A 16 -20.17 13.21 3.61
CA THR A 16 -20.19 13.75 4.94
C THR A 16 -19.64 12.68 5.89
N ARG A 17 -19.18 13.10 7.06
CA ARG A 17 -18.78 12.15 8.08
C ARG A 17 -19.93 11.20 8.37
N GLU A 18 -21.14 11.73 8.39
CA GLU A 18 -22.29 10.92 8.73
CA GLU A 18 -22.32 10.92 8.72
C GLU A 18 -22.52 9.82 7.67
N VAL A 19 -22.36 10.17 6.40
CA VAL A 19 -22.57 9.20 5.32
C VAL A 19 -21.50 8.11 5.39
N LEU A 20 -20.25 8.51 5.59
CA LEU A 20 -19.14 7.53 5.68
C LEU A 20 -19.29 6.62 6.89
N LYS A 21 -19.68 7.17 8.04
CA LYS A 21 -19.86 6.36 9.22
C LYS A 21 -20.96 5.32 9.02
N GLU A 22 -22.07 5.74 8.41
CA GLU A 22 -23.16 4.81 8.17
C GLU A 22 -22.78 3.71 7.17
N ALA A 23 -22.08 4.10 6.10
CA ALA A 23 -21.56 3.12 5.13
C ALA A 23 -20.72 2.05 5.80
N LEU A 24 -19.85 2.46 6.73
CA LEU A 24 -19.00 1.51 7.41
C LEU A 24 -19.71 0.72 8.50
N SER A 25 -20.85 1.21 8.99
CA SER A 25 -21.56 0.60 10.11
C SER A 25 -22.64 -0.40 9.67
N ILE A 26 -23.27 -0.14 8.53
CA ILE A 26 -24.27 -1.06 7.97
C ILE A 26 -23.61 -2.36 7.54
N ASN A 27 -24.15 -3.48 7.99
CA ASN A 27 -23.61 -4.80 7.64
C ASN A 27 -24.49 -5.62 6.68
N ASP A 28 -25.54 -4.99 6.18
CA ASP A 28 -26.42 -5.61 5.22
C ASP A 28 -25.70 -6.07 3.93
N ARG A 29 -25.92 -7.32 3.53
CA ARG A 29 -25.29 -7.90 2.33
C ARG A 29 -25.64 -7.13 1.07
N GLY A 30 -26.91 -6.80 0.90
CA GLY A 30 -27.32 -6.08 -0.28
C GLY A 30 -26.66 -4.73 -0.36
N PHE A 31 -26.57 -4.03 0.77
CA PHE A 31 -25.87 -2.77 0.82
C PHE A 31 -24.40 -2.92 0.41
N ASN A 32 -23.72 -3.85 1.05
CA ASN A 32 -22.31 -4.07 0.78
C ASN A 32 -22.06 -4.38 -0.68
N GLU A 33 -22.88 -5.25 -1.27
CA GLU A 33 -22.67 -5.61 -2.67
C GLU A 33 -22.89 -4.43 -3.61
N ALA A 34 -23.87 -3.58 -3.29
CA ALA A 34 -24.10 -2.35 -4.05
C ALA A 34 -22.93 -1.37 -3.92
N LEU A 35 -22.39 -1.25 -2.70
CA LEU A 35 -21.24 -0.41 -2.46
C LEU A 35 -20.05 -0.89 -3.30
N PHE A 36 -19.83 -2.20 -3.31
CA PHE A 36 -18.72 -2.76 -4.09
C PHE A 36 -18.90 -2.57 -5.59
N LYS A 37 -20.13 -2.70 -6.05
CA LYS A 37 -20.46 -2.48 -7.46
C LYS A 37 -20.22 -1.03 -7.84
N LEU A 38 -20.61 -0.12 -6.97
CA LEU A 38 -20.40 1.31 -7.22
C LEU A 38 -18.91 1.61 -7.34
N ALA A 39 -18.11 1.08 -6.40
CA ALA A 39 -16.67 1.32 -6.44
C ALA A 39 -16.03 0.71 -7.69
N ASP A 40 -16.49 -0.47 -8.07
CA ASP A 40 -15.99 -1.18 -9.25
C ASP A 40 -16.30 -0.36 -10.50
N GLU A 41 -17.49 0.22 -10.55
CA GLU A 41 -17.88 1.02 -11.71
C GLU A 41 -17.11 2.33 -11.77
N ILE A 42 -16.92 2.98 -10.62
CA ILE A 42 -16.11 4.19 -10.58
C ILE A 42 -14.68 3.91 -11.01
N ARG A 43 -14.12 2.81 -10.52
CA ARG A 43 -12.79 2.40 -10.98
C ARG A 43 -12.77 2.26 -12.51
N ARG A 44 -13.70 1.49 -13.07
CA ARG A 44 -13.72 1.29 -14.51
C ARG A 44 -13.78 2.61 -15.27
N LYS A 45 -14.67 3.48 -14.83
CA LYS A 45 -14.88 4.74 -15.52
C LYS A 45 -13.69 5.67 -15.47
N TYR A 46 -13.04 5.78 -14.32
CA TYR A 46 -11.98 6.77 -14.14
C TYR A 46 -10.57 6.27 -14.48
N VAL A 47 -10.28 5.01 -14.18
CA VAL A 47 -8.94 4.48 -14.37
C VAL A 47 -8.89 3.27 -15.30
N GLY A 48 -10.06 2.84 -15.81
CA GLY A 48 -10.09 1.81 -16.84
C GLY A 48 -9.76 0.43 -16.38
N ASP A 49 -9.50 -0.45 -17.33
CA ASP A 49 -9.34 -1.88 -17.03
C ASP A 49 -7.89 -2.29 -16.87
N GLU A 50 -6.94 -1.38 -17.08
CA GLU A 50 -5.54 -1.69 -16.87
CA GLU A 50 -5.53 -1.66 -16.86
C GLU A 50 -5.24 -1.89 -15.38
N VAL A 51 -4.55 -2.96 -15.07
CA VAL A 51 -4.10 -3.19 -13.72
C VAL A 51 -2.59 -3.03 -13.78
N HIS A 52 -2.11 -2.06 -13.01
CA HIS A 52 -0.69 -1.71 -13.04
C HIS A 52 0.12 -2.62 -12.11
N ILE A 53 1.21 -3.17 -12.66
CA ILE A 53 2.05 -4.10 -11.94
C ILE A 53 3.26 -3.35 -11.39
N ARG A 54 3.45 -3.37 -10.08
CA ARG A 54 4.62 -2.80 -9.46
C ARG A 54 5.41 -3.94 -8.83
N ALA A 55 6.59 -4.23 -9.33
CA ALA A 55 7.42 -5.32 -8.80
C ALA A 55 8.13 -4.85 -7.56
N ILE A 56 7.91 -5.51 -6.43
CA ILE A 56 8.42 -5.07 -5.15
C ILE A 56 9.60 -5.93 -4.73
N ILE A 57 10.72 -5.25 -4.44
CA ILE A 57 11.91 -5.90 -3.91
C ILE A 57 12.09 -5.42 -2.47
N GLU A 58 11.96 -6.35 -1.53
CA GLU A 58 12.10 -6.09 -0.10
C GLU A 58 13.55 -6.36 0.24
N PHE A 59 14.38 -5.31 0.13
CA PHE A 59 15.83 -5.52 0.01
C PHE A 59 16.59 -5.65 1.34
N SER A 60 15.95 -5.30 2.44
CA SER A 60 16.52 -5.43 3.76
C SER A 60 15.36 -5.52 4.76
N ASN A 61 15.52 -6.40 5.76
CA ASN A 61 14.56 -6.47 6.87
C ASN A 61 15.16 -5.93 8.17
N VAL A 62 16.25 -5.17 8.07
CA VAL A 62 16.82 -4.47 9.22
C VAL A 62 15.98 -3.24 9.53
N CYS A 63 15.60 -3.06 10.79
CA CYS A 63 14.86 -1.86 11.17
C CYS A 63 15.28 -1.29 12.50
N ARG A 64 15.35 0.03 12.55
CA ARG A 64 15.67 0.76 13.78
C ARG A 64 14.45 1.09 14.63
N LYS A 65 13.25 1.01 14.05
CA LYS A 65 12.02 1.34 14.76
C LYS A 65 11.41 0.10 15.43
N ASN A 66 10.39 0.33 16.25
CA ASN A 66 9.86 -0.72 17.11
C ASN A 66 8.33 -0.77 17.06
N CYS A 67 7.75 -0.54 15.89
CA CYS A 67 6.30 -0.51 15.73
C CYS A 67 5.69 -1.78 16.31
N LEU A 68 4.64 -1.64 17.13
CA LEU A 68 4.14 -2.78 17.88
C LEU A 68 3.51 -3.87 17.05
N TYR A 69 3.05 -3.52 15.86
CA TYR A 69 2.34 -4.47 14.97
C TYR A 69 3.27 -5.27 14.07
N CYS A 70 4.50 -4.81 13.92
CA CYS A 70 5.36 -5.27 12.84
C CYS A 70 6.39 -6.30 13.20
N GLY A 71 6.43 -7.39 12.44
CA GLY A 71 7.40 -8.43 12.66
C GLY A 71 8.85 -8.03 12.53
N LEU A 72 9.14 -6.94 11.81
CA LEU A 72 10.50 -6.45 11.65
C LEU A 72 10.98 -5.50 12.78
N ARG A 73 10.10 -5.23 13.74
CA ARG A 73 10.44 -4.30 14.83
C ARG A 73 11.76 -4.69 15.49
N ARG A 74 12.51 -3.69 15.95
CA ARG A 74 13.88 -3.97 16.39
C ARG A 74 13.97 -4.94 17.55
N ASP A 75 12.94 -5.01 18.39
CA ASP A 75 12.96 -5.89 19.55
C ASP A 75 12.75 -7.35 19.20
N ASN A 76 12.39 -7.64 17.94
CA ASN A 76 12.20 -9.02 17.56
C ASN A 76 13.53 -9.69 17.29
N LYS A 77 14.01 -10.42 18.29
CA LYS A 77 15.26 -11.20 18.19
C LYS A 77 15.10 -12.55 17.44
N ASN A 78 13.84 -12.98 17.22
CA ASN A 78 13.54 -14.28 16.58
CA ASN A 78 13.53 -14.28 16.58
C ASN A 78 13.40 -14.16 15.06
N LEU A 79 14.27 -13.36 14.48
CA LEU A 79 14.22 -13.11 13.06
C LEU A 79 15.63 -12.96 12.54
N LYS A 80 15.97 -13.76 11.54
CA LYS A 80 17.20 -13.63 10.83
C LYS A 80 17.13 -12.38 9.97
N ARG A 81 18.07 -11.47 10.20
CA ARG A 81 18.13 -10.23 9.44
C ARG A 81 19.01 -10.42 8.21
N TYR A 82 18.63 -9.75 7.13
CA TYR A 82 19.38 -9.79 5.86
C TYR A 82 19.45 -8.42 5.21
N ARG A 83 20.44 -8.25 4.34
CA ARG A 83 20.60 -7.07 3.50
C ARG A 83 21.08 -7.56 2.14
N MET A 84 20.33 -7.26 1.08
CA MET A 84 20.80 -7.45 -0.27
C MET A 84 21.90 -6.44 -0.59
N THR A 85 22.88 -6.85 -1.38
CA THR A 85 23.91 -5.91 -1.80
C THR A 85 23.36 -4.99 -2.87
N PRO A 86 23.95 -3.81 -3.05
CA PRO A 86 23.49 -2.93 -4.14
C PRO A 86 23.48 -3.60 -5.51
N GLU A 87 24.49 -4.42 -5.81
CA GLU A 87 24.53 -5.13 -7.09
C GLU A 87 23.37 -6.12 -7.20
N GLU A 88 23.08 -6.84 -6.12
CA GLU A 88 21.97 -7.80 -6.12
C GLU A 88 20.65 -7.08 -6.36
N ILE A 89 20.48 -5.91 -5.75
CA ILE A 89 19.21 -5.18 -5.87
C ILE A 89 19.06 -4.70 -7.32
N VAL A 90 20.11 -4.07 -7.88
CA VAL A 90 20.02 -3.60 -9.25
C VAL A 90 19.76 -4.74 -10.24
N GLU A 91 20.45 -5.86 -10.07
CA GLU A 91 20.27 -6.96 -11.00
C GLU A 91 18.90 -7.63 -10.84
N ARG A 92 18.39 -7.67 -9.60
CA ARG A 92 17.07 -8.19 -9.35
C ARG A 92 16.02 -7.28 -10.03
N ALA A 93 16.18 -5.98 -9.90
CA ALA A 93 15.35 -4.99 -10.62
C ALA A 93 15.41 -5.23 -12.12
N ARG A 94 16.61 -5.41 -12.67
CA ARG A 94 16.77 -5.65 -14.10
C ARG A 94 15.98 -6.89 -14.52
N LEU A 95 16.03 -7.95 -13.72
CA LEU A 95 15.26 -9.16 -14.02
C LEU A 95 13.75 -8.85 -14.06
N ALA A 96 13.29 -8.05 -13.11
CA ALA A 96 11.90 -7.60 -13.15
C ALA A 96 11.54 -6.84 -14.42
N VAL A 97 12.39 -5.92 -14.85
CA VAL A 97 12.15 -5.18 -16.07
C VAL A 97 12.16 -6.14 -17.28
N GLN A 98 13.07 -7.11 -17.29
CA GLN A 98 13.07 -8.17 -18.32
C GLN A 98 11.75 -8.94 -18.37
N PHE A 99 11.10 -9.08 -17.20
CA PHE A 99 9.84 -9.80 -17.09
C PHE A 99 8.65 -8.87 -17.37
N GLY A 100 8.91 -7.61 -17.69
CA GLY A 100 7.87 -6.68 -18.10
C GLY A 100 7.39 -5.70 -17.05
N ALA A 101 8.01 -5.67 -15.86
CA ALA A 101 7.62 -4.66 -14.84
C ALA A 101 7.94 -3.27 -15.34
N LYS A 102 6.98 -2.35 -15.22
CA LYS A 102 7.14 -0.95 -15.60
C LYS A 102 7.39 -0.02 -14.43
N THR A 103 7.19 -0.54 -13.21
CA THR A 103 7.56 0.14 -11.98
C THR A 103 8.29 -0.87 -11.10
N ILE A 104 9.39 -0.42 -10.49
CA ILE A 104 10.13 -1.17 -9.47
C ILE A 104 9.90 -0.43 -8.15
N VAL A 105 9.41 -1.16 -7.14
CA VAL A 105 9.26 -0.68 -5.76
C VAL A 105 10.40 -1.23 -4.91
N LEU A 106 11.17 -0.36 -4.28
CA LEU A 106 12.20 -0.75 -3.32
C LEU A 106 11.63 -0.49 -1.92
N GLN A 107 11.49 -1.54 -1.13
CA GLN A 107 10.95 -1.43 0.22
C GLN A 107 11.92 -2.09 1.20
N SER A 108 11.97 -1.52 2.40
CA SER A 108 12.80 -2.07 3.48
C SER A 108 12.27 -1.68 4.84
N GLY A 109 12.82 -2.34 5.87
CA GLY A 109 12.83 -1.76 7.20
C GLY A 109 13.58 -0.44 7.15
N GLU A 110 13.46 0.35 8.20
CA GLU A 110 14.26 1.55 8.32
C GLU A 110 15.69 1.14 8.69
N ASP A 111 16.47 0.82 7.67
CA ASP A 111 17.82 0.31 7.79
C ASP A 111 18.81 1.41 7.45
N PRO A 112 19.49 1.92 8.48
CA PRO A 112 20.44 3.01 8.25
C PRO A 112 21.54 2.77 7.19
N TYR A 113 21.90 1.51 6.96
CA TYR A 113 23.12 1.22 6.22
C TYR A 113 23.14 1.88 4.86
N MET A 115 21.42 4.54 3.75
CA MET A 115 20.79 5.87 3.66
C MET A 115 21.80 6.99 3.84
N PRO A 116 21.79 7.99 2.94
CA PRO A 116 21.03 8.10 1.69
C PRO A 116 21.75 7.65 0.44
N ASP A 117 23.08 7.57 0.46
CA ASP A 117 23.83 7.49 -0.78
C ASP A 117 23.74 6.18 -1.52
N VAL A 118 23.64 5.06 -0.82
CA VAL A 118 23.56 3.76 -1.51
C VAL A 118 22.23 3.67 -2.24
N ILE A 119 21.15 4.15 -1.61
CA ILE A 119 19.84 4.19 -2.27
C ILE A 119 19.94 5.05 -3.51
N SER A 120 20.56 6.22 -3.38
CA SER A 120 20.70 7.10 -4.56
C SER A 120 21.40 6.40 -5.72
N ASP A 121 22.47 5.69 -5.43
CA ASP A 121 23.23 4.98 -6.45
C ASP A 121 22.32 3.92 -7.12
N ILE A 122 21.60 3.17 -6.32
CA ILE A 122 20.72 2.10 -6.83
C ILE A 122 19.61 2.70 -7.71
N VAL A 123 18.98 3.76 -7.22
CA VAL A 123 17.92 4.44 -7.95
C VAL A 123 18.43 4.87 -9.33
N LYS A 124 19.62 5.49 -9.38
CA LYS A 124 20.19 5.96 -10.65
C LYS A 124 20.36 4.83 -11.62
N GLU A 125 20.85 3.69 -11.15
CA GLU A 125 21.07 2.53 -12.03
C GLU A 125 19.75 1.95 -12.57
N ILE A 126 18.74 1.89 -11.71
CA ILE A 126 17.45 1.34 -12.12
C ILE A 126 16.74 2.27 -13.09
N LYS A 127 16.89 3.58 -12.87
CA LYS A 127 16.25 4.57 -13.76
C LYS A 127 16.80 4.51 -15.20
N LYS A 128 18.02 4.00 -15.36
CA LYS A 128 18.59 3.82 -16.70
C LYS A 128 17.77 2.79 -17.52
N MET A 129 16.98 1.96 -16.84
CA MET A 129 16.23 0.88 -17.46
CA MET A 129 16.25 0.94 -17.57
C MET A 129 14.89 1.38 -18.04
N GLY A 130 14.57 2.65 -17.83
CA GLY A 130 13.38 3.25 -18.43
C GLY A 130 12.07 2.90 -17.78
N VAL A 131 12.11 2.69 -16.48
CA VAL A 131 10.95 2.39 -15.68
C VAL A 131 10.78 3.38 -14.54
N ALA A 132 9.59 3.38 -13.94
CA ALA A 132 9.33 4.17 -12.75
C ALA A 132 9.98 3.51 -11.55
N VAL A 133 10.44 4.32 -10.61
CA VAL A 133 10.96 3.83 -9.34
C VAL A 133 10.18 4.44 -8.20
N THR A 134 9.70 3.56 -7.33
CA THR A 134 8.98 3.90 -6.13
C THR A 134 9.77 3.43 -4.92
N LEU A 135 9.91 4.30 -3.94
CA LEU A 135 10.60 3.98 -2.67
C LEU A 135 9.58 3.84 -1.55
N SER A 136 9.88 2.93 -0.62
CA SER A 136 9.05 2.72 0.55
C SER A 136 10.01 2.34 1.68
N LEU A 137 10.68 3.36 2.22
CA LEU A 137 11.82 3.17 3.14
C LEU A 137 11.55 3.73 4.54
N GLY A 138 10.35 4.25 4.76
CA GLY A 138 9.99 4.84 6.05
C GLY A 138 10.34 6.33 6.14
N GLU A 139 10.56 6.78 7.37
CA GLU A 139 10.74 8.19 7.71
C GLU A 139 12.22 8.50 7.76
N TRP A 140 12.63 9.51 7.01
CA TRP A 140 14.03 9.96 6.90
C TRP A 140 14.02 11.48 6.79
N PRO A 141 15.18 12.10 7.03
CA PRO A 141 15.25 13.56 6.87
C PRO A 141 14.86 14.06 5.48
N ARG A 142 14.31 15.28 5.40
CA ARG A 142 13.99 15.91 4.12
CA ARG A 142 13.98 15.89 4.12
C ARG A 142 15.16 15.80 3.15
N GLU A 143 16.38 16.01 3.65
CA GLU A 143 17.55 16.00 2.79
C GLU A 143 17.70 14.66 2.06
N TYR A 144 17.35 13.56 2.73
CA TYR A 144 17.44 12.24 2.09
C TYR A 144 16.40 12.12 0.97
N TYR A 145 15.17 12.52 1.29
CA TYR A 145 14.11 12.52 0.29
C TYR A 145 14.47 13.37 -0.92
N GLU A 146 15.13 14.50 -0.67
CA GLU A 146 15.54 15.39 -1.73
C GLU A 146 16.60 14.73 -2.60
N LYS A 147 17.58 14.10 -1.95
CA LYS A 147 18.60 13.38 -2.71
C LYS A 147 18.03 12.28 -3.58
N TRP A 148 17.06 11.55 -3.04
CA TRP A 148 16.46 10.43 -3.79
C TRP A 148 15.63 10.92 -4.98
N LYS A 149 14.99 12.07 -4.82
CA LYS A 149 14.24 12.70 -5.92
C LYS A 149 15.22 13.16 -7.01
N GLU A 150 16.32 13.77 -6.61
CA GLU A 150 17.32 14.19 -7.58
C GLU A 150 17.96 13.00 -8.30
N ALA A 151 18.04 11.86 -7.63
CA ALA A 151 18.61 10.64 -8.20
C ALA A 151 17.67 10.01 -9.22
N GLY A 152 16.42 10.43 -9.22
CA GLY A 152 15.42 10.00 -10.18
C GLY A 152 14.18 9.26 -9.65
N ALA A 153 14.05 9.08 -8.34
CA ALA A 153 12.86 8.40 -7.82
C ALA A 153 11.59 9.15 -8.20
N ASP A 154 10.57 8.39 -8.56
CA ASP A 154 9.29 8.95 -9.02
C ASP A 154 8.23 9.05 -7.96
N ARG A 155 8.16 8.02 -7.12
CA ARG A 155 7.10 7.88 -6.16
C ARG A 155 7.63 7.44 -4.81
N TYR A 156 6.83 7.69 -3.78
CA TYR A 156 7.16 7.27 -2.41
C TYR A 156 5.90 6.80 -1.70
N LEU A 157 5.95 5.59 -1.12
CA LEU A 157 4.87 5.04 -0.30
C LEU A 157 5.22 5.22 1.17
N LEU A 158 4.33 5.89 1.89
CA LEU A 158 4.49 6.09 3.31
C LEU A 158 3.11 6.06 3.94
N ARG A 159 2.61 4.86 4.21
CA ARG A 159 1.26 4.73 4.76
C ARG A 159 1.15 5.59 6.02
N HIS A 160 0.03 6.30 6.18
CA HIS A 160 -0.15 7.06 7.42
C HIS A 160 -0.50 6.16 8.62
N GLU A 161 -0.90 4.90 8.35
CA GLU A 161 -1.13 3.81 9.32
C GLU A 161 -2.43 3.97 10.08
N THR A 162 -2.56 5.08 10.80
CA THR A 162 -3.78 5.48 11.48
C THR A 162 -3.72 6.98 11.67
N ALA A 163 -4.84 7.64 11.42
CA ALA A 163 -4.94 9.09 11.55
C ALA A 163 -5.32 9.52 12.97
N ASN A 164 -5.47 8.55 13.88
CA ASN A 164 -5.70 8.86 15.29
C ASN A 164 -4.33 9.10 15.94
N PRO A 165 -4.02 10.35 16.34
CA PRO A 165 -2.66 10.58 16.80
C PRO A 165 -2.30 9.85 18.07
N VAL A 166 -3.28 9.57 18.92
CA VAL A 166 -3.01 8.87 20.17
C VAL A 166 -2.69 7.38 19.88
N LEU A 167 -3.55 6.75 19.08
CA LEU A 167 -3.31 5.38 18.65
C LEU A 167 -1.98 5.27 17.89
N HIS A 168 -1.70 6.25 17.03
CA HIS A 168 -0.46 6.22 16.24
C HIS A 168 0.77 6.20 17.14
N ARG A 169 0.79 7.07 18.15
CA ARG A 169 1.94 7.17 19.03
C ARG A 169 2.13 5.93 19.87
N LYS A 170 1.04 5.32 20.31
CA LYS A 170 1.13 4.07 21.06
C LYS A 170 1.65 2.91 20.22
N LEU A 171 1.26 2.86 18.96
CA LEU A 171 1.64 1.75 18.11
C LEU A 171 3.02 1.99 17.47
N ARG A 172 3.45 3.24 17.40
CA ARG A 172 4.68 3.63 16.72
C ARG A 172 5.47 4.52 17.66
N PRO A 173 6.02 3.91 18.72
CA PRO A 173 6.56 4.68 19.85
C PRO A 173 7.81 5.52 19.58
N ASP A 174 8.43 5.34 18.43
CA ASP A 174 9.61 6.10 18.04
C ASP A 174 9.26 7.42 17.40
N THR A 175 7.98 7.62 17.09
CA THR A 175 7.59 8.71 16.22
C THR A 175 6.17 9.18 16.50
N SER A 176 5.50 9.76 15.52
CA SER A 176 4.17 10.34 15.77
C SER A 176 3.44 10.53 14.46
N PHE A 177 2.13 10.71 14.58
CA PHE A 177 1.33 11.07 13.42
C PHE A 177 1.75 12.41 12.83
N GLU A 178 2.06 13.38 13.71
CA GLU A 178 2.55 14.68 13.26
C GLU A 178 3.79 14.52 12.38
N ASN A 179 4.74 13.69 12.79
CA ASN A 179 5.91 13.47 11.94
CA ASN A 179 5.93 13.41 11.97
C ASN A 179 5.53 12.75 10.66
N ARG A 180 4.67 11.75 10.74
CA ARG A 180 4.27 10.97 9.55
C ARG A 180 3.61 11.89 8.50
N LEU A 181 2.71 12.75 8.96
CA LEU A 181 2.09 13.73 8.10
C LEU A 181 3.13 14.70 7.52
N ASN A 182 4.03 15.23 8.35
CA ASN A 182 5.03 16.13 7.81
C ASN A 182 5.90 15.47 6.74
N LEU A 184 4.84 13.05 4.71
CA LEU A 184 4.00 12.96 3.52
C LEU A 184 3.89 14.32 2.82
N LEU A 185 3.72 15.37 3.60
CA LEU A 185 3.69 16.73 3.02
C LEU A 185 5.01 17.12 2.35
N THR A 186 6.15 16.74 2.94
CA THR A 186 7.45 16.98 2.36
C THR A 186 7.62 16.24 1.05
N LEU A 187 7.21 14.97 1.02
CA LEU A 187 7.27 14.16 -0.19
C LEU A 187 6.49 14.81 -1.32
N LYS A 188 5.27 15.27 -1.02
CA LYS A 188 4.45 15.94 -2.02
CA LYS A 188 4.44 15.95 -2.02
C LYS A 188 5.12 17.21 -2.53
N GLU A 189 5.66 18.01 -1.61
CA GLU A 189 6.31 19.29 -1.97
C GLU A 189 7.51 19.08 -2.89
N LEU A 190 8.22 17.98 -2.67
CA LEU A 190 9.37 17.63 -3.49
C LEU A 190 9.02 17.07 -4.86
N GLY A 191 7.75 16.81 -5.10
CA GLY A 191 7.28 16.40 -6.43
C GLY A 191 7.12 14.89 -6.62
N TYR A 192 7.25 14.11 -5.54
CA TYR A 192 6.91 12.70 -5.64
C TYR A 192 5.42 12.48 -5.86
N GLU A 193 5.09 11.45 -6.64
CA GLU A 193 3.76 10.86 -6.49
CA GLU A 193 3.76 10.87 -6.47
C GLU A 193 3.77 10.16 -5.14
N THR A 194 2.83 10.52 -4.28
CA THR A 194 2.86 10.10 -2.87
C THR A 194 1.72 9.19 -2.50
N GLY A 195 2.09 8.11 -1.81
CA GLY A 195 1.13 7.17 -1.32
C GLY A 195 0.97 7.16 0.19
N ALA A 196 -0.28 7.12 0.64
CA ALA A 196 -0.58 7.00 2.06
C ALA A 196 -1.39 5.73 2.25
N GLY A 197 -2.24 5.68 3.26
CA GLY A 197 -3.01 4.47 3.54
C GLY A 197 -2.87 4.01 4.96
N SER A 198 -3.62 2.99 5.31
CA SER A 198 -3.79 2.64 6.72
C SER A 198 -4.12 1.16 6.87
N MET A 199 -3.95 0.64 8.08
CA MET A 199 -4.39 -0.70 8.43
C MET A 199 -5.77 -0.61 9.02
N VAL A 200 -6.51 -1.69 8.82
CA VAL A 200 -7.87 -1.78 9.34
C VAL A 200 -7.94 -2.90 10.35
N GLY A 201 -8.54 -2.60 11.49
CA GLY A 201 -8.71 -3.57 12.57
C GLY A 201 -7.54 -3.62 13.57
N LEU A 202 -6.77 -2.53 13.62
CA LEU A 202 -5.74 -2.36 14.67
C LEU A 202 -6.39 -2.44 16.04
N PRO A 203 -5.66 -2.98 17.02
CA PRO A 203 -6.23 -2.99 18.36
C PRO A 203 -6.52 -1.56 18.86
N GLY A 204 -7.75 -1.37 19.30
CA GLY A 204 -8.19 -0.07 19.80
C GLY A 204 -8.71 0.92 18.77
N GLN A 205 -8.71 0.53 17.50
CA GLN A 205 -9.18 1.41 16.44
C GLN A 205 -10.69 1.25 16.34
N THR A 206 -11.39 2.35 16.18
CA THR A 206 -12.84 2.36 16.12
C THR A 206 -13.34 2.64 14.69
N ILE A 207 -14.64 2.46 14.46
CA ILE A 207 -15.22 2.86 13.19
C ILE A 207 -15.03 4.35 12.94
N ASP A 208 -15.16 5.19 13.98
CA ASP A 208 -14.93 6.62 13.81
C ASP A 208 -13.48 6.93 13.35
N ASP A 209 -12.54 6.13 13.84
CA ASP A 209 -11.16 6.25 13.40
C ASP A 209 -11.06 5.93 11.91
N LEU A 210 -11.77 4.91 11.45
CA LEU A 210 -11.75 4.58 10.02
C LEU A 210 -12.34 5.71 9.17
N VAL A 211 -13.42 6.31 9.65
CA VAL A 211 -13.97 7.50 9.01
C VAL A 211 -12.94 8.62 8.90
N ASP A 212 -12.19 8.83 9.99
CA ASP A 212 -11.13 9.83 9.98
C ASP A 212 -10.04 9.49 8.98
N ASP A 213 -9.72 8.21 8.82
CA ASP A 213 -8.75 7.81 7.81
C ASP A 213 -9.23 8.19 6.41
N LEU A 214 -10.50 7.88 6.11
CA LEU A 214 -11.10 8.24 4.83
C LEU A 214 -11.04 9.75 4.57
N LEU A 215 -11.44 10.54 5.58
CA LEU A 215 -11.42 12.01 5.44
C LEU A 215 -10.03 12.59 5.30
N PHE A 216 -9.06 11.98 5.96
CA PHE A 216 -7.66 12.35 5.83
C PHE A 216 -7.16 12.10 4.41
N LEU A 217 -7.46 10.93 3.87
CA LEU A 217 -7.05 10.64 2.50
C LEU A 217 -7.69 11.61 1.51
N LYS A 218 -8.97 11.91 1.69
CA LYS A 218 -9.68 12.82 0.79
C LYS A 218 -9.09 14.24 0.89
N GLU A 219 -8.81 14.68 2.11
CA GLU A 219 -8.23 15.99 2.37
C GLU A 219 -6.93 16.23 1.59
N HIS A 220 -6.05 15.24 1.62
CA HIS A 220 -4.72 15.39 1.05
C HIS A 220 -4.62 14.91 -0.39
N ASP A 221 -5.67 14.28 -0.90
CA ASP A 221 -5.73 13.93 -2.31
C ASP A 221 -4.51 13.12 -2.79
N PHE A 222 -4.16 12.08 -2.04
CA PHE A 222 -2.99 11.29 -2.36
C PHE A 222 -3.10 10.59 -3.70
N ASP A 223 -1.95 10.42 -4.34
CA ASP A 223 -1.88 9.72 -5.61
C ASP A 223 -2.14 8.25 -5.48
N MET A 224 -1.68 7.66 -4.37
CA MET A 224 -1.88 6.25 -4.09
C MET A 224 -2.35 6.04 -2.69
N VAL A 225 -3.14 4.99 -2.49
CA VAL A 225 -3.61 4.66 -1.16
C VAL A 225 -3.50 3.14 -0.95
N GLY A 226 -2.64 2.72 -0.01
CA GLY A 226 -2.50 1.32 0.34
C GLY A 226 -3.22 0.97 1.61
N ILE A 227 -4.14 0.02 1.49
CA ILE A 227 -4.96 -0.36 2.63
C ILE A 227 -4.96 -1.88 2.75
N GLY A 228 -4.80 -2.35 3.99
CA GLY A 228 -4.95 -3.76 4.28
C GLY A 228 -5.35 -3.98 5.72
N PRO A 229 -5.72 -5.21 6.03
CA PRO A 229 -6.07 -5.56 7.41
C PRO A 229 -4.82 -5.67 8.26
N PHE A 230 -4.95 -5.35 9.53
CA PHE A 230 -3.96 -5.72 10.51
C PHE A 230 -3.92 -7.25 10.67
N ILE A 231 -2.72 -7.83 10.62
CA ILE A 231 -2.52 -9.25 10.80
C ILE A 231 -1.51 -9.46 11.95
N PRO A 232 -1.97 -10.03 13.09
CA PRO A 232 -1.06 -10.16 14.23
CA PRO A 232 -1.07 -10.18 14.24
C PRO A 232 0.12 -11.07 13.96
N HIS A 233 1.27 -10.67 14.47
CA HIS A 233 2.50 -11.42 14.30
C HIS A 233 2.93 -11.97 15.66
N PRO A 234 3.27 -13.26 15.70
CA PRO A 234 3.52 -13.91 17.00
C PRO A 234 4.70 -13.38 17.80
N ASP A 235 5.64 -12.72 17.15
CA ASP A 235 6.84 -12.21 17.84
C ASP A 235 6.75 -10.70 18.09
N THR A 236 5.52 -10.22 18.35
CA THR A 236 5.26 -8.81 18.62
C THR A 236 4.32 -8.69 19.79
N PRO A 237 4.26 -7.50 20.40
CA PRO A 237 3.34 -7.31 21.50
C PRO A 237 1.87 -7.47 21.17
N LEU A 238 1.52 -7.44 19.89
CA LEU A 238 0.12 -7.57 19.49
C LEU A 238 -0.23 -8.98 19.02
N ALA A 239 0.61 -9.96 19.36
CA ALA A 239 0.47 -11.36 18.95
C ALA A 239 -0.92 -11.96 19.18
N ASN A 240 -1.54 -11.59 20.30
CA ASN A 240 -2.81 -12.19 20.72
C ASN A 240 -4.02 -11.35 20.37
N GLU A 241 -3.84 -10.29 19.59
CA GLU A 241 -4.95 -9.44 19.19
C GLU A 241 -5.66 -10.02 17.96
N LYS A 242 -6.88 -9.57 17.72
CA LYS A 242 -7.68 -10.08 16.59
C LYS A 242 -7.19 -9.51 15.26
N LYS A 243 -7.23 -10.33 14.22
CA LYS A 243 -6.98 -9.84 12.86
C LYS A 243 -8.07 -8.90 12.39
N GLY A 244 -7.70 -7.98 11.51
CA GLY A 244 -8.66 -7.14 10.83
C GLY A 244 -9.64 -7.93 9.98
N ASP A 245 -10.87 -7.43 9.92
CA ASP A 245 -11.92 -8.07 9.16
C ASP A 245 -11.80 -7.78 7.67
N PHE A 246 -11.86 -8.83 6.86
CA PHE A 246 -11.68 -8.68 5.40
C PHE A 246 -12.78 -7.80 4.80
N THR A 247 -14.03 -8.06 5.11
CA THR A 247 -15.11 -7.29 4.50
C THR A 247 -15.05 -5.81 4.88
N LEU A 248 -14.74 -5.49 6.14
CA LEU A 248 -14.62 -4.11 6.54
C LEU A 248 -13.46 -3.41 5.81
N THR A 249 -12.34 -4.12 5.66
CA THR A 249 -11.17 -3.59 4.92
C THR A 249 -11.54 -3.33 3.45
N LEU A 250 -12.27 -4.28 2.88
CA LEU A 250 -12.75 -4.16 1.51
C LEU A 250 -13.65 -2.93 1.35
N LYS A 251 -14.52 -2.68 2.33
CA LYS A 251 -15.34 -1.48 2.31
C LYS A 251 -14.50 -0.20 2.36
N MET A 252 -13.40 -0.23 3.10
CA MET A 252 -12.48 0.89 3.12
C MET A 252 -11.83 1.11 1.76
N VAL A 253 -11.45 0.04 1.06
CA VAL A 253 -10.93 0.19 -0.29
C VAL A 253 -11.98 0.76 -1.22
N ALA A 254 -13.20 0.24 -1.15
CA ALA A 254 -14.26 0.70 -2.01
C ALA A 254 -14.55 2.18 -1.80
N LEU A 255 -14.67 2.57 -0.54
CA LEU A 255 -14.93 3.98 -0.22
C LEU A 255 -13.79 4.89 -0.64
N THR A 256 -12.56 4.40 -0.52
CA THR A 256 -11.40 5.15 -0.98
C THR A 256 -11.52 5.43 -2.49
N ARG A 257 -11.89 4.42 -3.26
CA ARG A 257 -12.08 4.63 -4.70
C ARG A 257 -13.18 5.66 -4.98
N ILE A 258 -14.28 5.58 -4.24
CA ILE A 258 -15.41 6.50 -4.43
C ILE A 258 -15.01 7.93 -4.10
N LEU A 259 -14.20 8.10 -3.04
CA LEU A 259 -13.70 9.41 -2.61
C LEU A 259 -12.60 9.98 -3.50
N LEU A 260 -11.74 9.10 -4.01
CA LEU A 260 -10.57 9.48 -4.78
C LEU A 260 -10.60 8.70 -6.11
N PRO A 261 -11.53 9.07 -7.00
CA PRO A 261 -11.79 8.23 -8.15
C PRO A 261 -10.68 8.01 -9.13
N ASP A 262 -9.73 8.94 -9.19
CA ASP A 262 -8.64 8.84 -10.12
C ASP A 262 -7.32 8.39 -9.47
N SER A 263 -7.38 7.86 -8.25
CA SER A 263 -6.18 7.44 -7.55
C SER A 263 -5.73 6.04 -7.95
N ASN A 264 -4.48 5.72 -7.63
CA ASN A 264 -3.98 4.36 -7.79
C ASN A 264 -4.08 3.61 -6.46
N ILE A 265 -4.78 2.49 -6.44
CA ILE A 265 -5.12 1.78 -5.21
C ILE A 265 -4.74 0.30 -5.38
N PRO A 266 -3.72 -0.18 -4.67
CA PRO A 266 -3.41 -1.61 -4.78
CA PRO A 266 -3.41 -1.61 -4.78
C PRO A 266 -4.39 -2.56 -4.09
N ALA A 267 -4.43 -3.79 -4.61
CA ALA A 267 -4.98 -4.94 -3.95
C ALA A 267 -3.80 -5.55 -3.20
N THR A 268 -3.73 -5.31 -1.89
CA THR A 268 -2.52 -5.59 -1.13
C THR A 268 -2.34 -7.06 -0.81
N THR A 269 -1.08 -7.44 -0.60
CA THR A 269 -0.77 -8.79 -0.22
C THR A 269 -1.49 -9.21 1.07
N ALA A 270 -1.66 -8.29 2.02
CA ALA A 270 -2.37 -8.62 3.25
C ALA A 270 -3.79 -9.05 2.96
N MET A 271 -4.42 -8.43 1.97
CA MET A 271 -5.77 -8.84 1.59
C MET A 271 -5.80 -10.29 1.08
N GLY A 272 -4.78 -10.68 0.32
CA GLY A 272 -4.66 -12.05 -0.17
C GLY A 272 -4.22 -13.06 0.87
N THR A 273 -3.66 -12.54 1.97
CA THR A 273 -3.20 -13.38 3.05
C THR A 273 -4.33 -13.76 3.96
N ILE A 274 -5.25 -12.87 4.26
CA ILE A 274 -6.31 -13.24 5.22
C ILE A 274 -7.48 -14.02 4.61
N VAL A 275 -7.69 -13.88 3.30
CA VAL A 275 -8.72 -14.62 2.58
C VAL A 275 -8.12 -15.14 1.28
N PRO A 276 -8.21 -16.45 1.01
CA PRO A 276 -7.78 -16.94 -0.29
C PRO A 276 -8.52 -16.25 -1.43
N GLY A 277 -7.77 -15.69 -2.36
CA GLY A 277 -8.36 -14.92 -3.44
C GLY A 277 -8.75 -13.50 -3.08
N GLY A 278 -8.26 -13.03 -1.93
CA GLY A 278 -8.57 -11.67 -1.49
C GLY A 278 -8.10 -10.56 -2.41
N ARG A 279 -6.95 -10.73 -3.07
CA ARG A 279 -6.50 -9.64 -3.97
C ARG A 279 -7.44 -9.50 -5.15
N GLU A 280 -7.82 -10.64 -5.73
CA GLU A 280 -8.72 -10.67 -6.85
C GLU A 280 -10.07 -10.00 -6.51
N ILE A 281 -10.61 -10.31 -5.34
CA ILE A 281 -11.82 -9.63 -4.89
C ILE A 281 -11.59 -8.12 -4.83
N THR A 282 -10.45 -7.72 -4.27
CA THR A 282 -10.19 -6.32 -4.04
C THR A 282 -10.05 -5.57 -5.38
N LEU A 283 -9.47 -6.22 -6.39
CA LEU A 283 -9.35 -5.63 -7.75
C LEU A 283 -10.71 -5.41 -8.38
N ARG A 284 -11.73 -6.12 -7.88
CA ARG A 284 -13.10 -5.96 -8.38
C ARG A 284 -13.98 -5.08 -7.49
N CYS A 285 -13.38 -4.41 -6.49
CA CYS A 285 -14.12 -3.58 -5.55
C CYS A 285 -13.46 -2.22 -5.42
N GLY A 286 -12.66 -1.84 -6.43
CA GLY A 286 -12.07 -0.50 -6.49
C GLY A 286 -10.58 -0.43 -6.74
N ALA A 287 -9.86 -1.52 -6.52
CA ALA A 287 -8.40 -1.49 -6.73
C ALA A 287 -8.02 -1.62 -8.20
N ASN A 288 -6.85 -1.08 -8.56
CA ASN A 288 -6.37 -1.09 -9.93
C ASN A 288 -4.87 -1.30 -10.05
N VAL A 289 -4.24 -1.73 -8.94
CA VAL A 289 -2.79 -1.95 -8.88
C VAL A 289 -2.53 -3.26 -8.16
N ILE A 290 -1.48 -3.96 -8.57
CA ILE A 290 -1.01 -5.16 -7.87
C ILE A 290 0.50 -5.11 -7.77
N MET A 291 1.04 -5.62 -6.65
CA MET A 291 2.48 -5.59 -6.38
CA MET A 291 2.47 -5.53 -6.38
C MET A 291 3.05 -6.96 -6.17
N PRO A 292 3.40 -7.65 -7.26
CA PRO A 292 3.90 -9.01 -7.12
C PRO A 292 5.24 -9.01 -6.39
N ASN A 293 5.42 -9.97 -5.51
CA ASN A 293 6.65 -10.08 -4.78
C ASN A 293 7.82 -10.44 -5.72
N TRP A 294 8.89 -9.66 -5.65
CA TRP A 294 10.08 -9.90 -6.47
C TRP A 294 11.30 -10.01 -5.59
N THR A 295 11.11 -10.21 -4.29
CA THR A 295 12.24 -10.46 -3.39
C THR A 295 12.78 -11.87 -3.67
N PRO A 296 14.09 -12.03 -3.83
CA PRO A 296 14.59 -13.37 -4.10
C PRO A 296 14.70 -14.22 -2.86
N SER A 297 14.67 -15.54 -3.04
CA SER A 297 15.16 -16.45 -2.00
C SER A 297 16.67 -16.21 -1.84
N PRO A 298 17.20 -16.39 -0.64
CA PRO A 298 16.55 -16.91 0.56
C PRO A 298 15.94 -15.84 1.43
N TYR A 299 15.81 -14.63 0.91
CA TYR A 299 15.39 -13.49 1.70
C TYR A 299 13.88 -13.29 1.80
N ARG A 300 13.16 -13.64 0.74
CA ARG A 300 11.71 -13.46 0.69
C ARG A 300 11.02 -13.93 1.98
N GLN A 301 11.35 -15.12 2.47
CA GLN A 301 10.72 -15.69 3.65
C GLN A 301 11.04 -14.97 4.96
N LEU A 302 12.08 -14.15 4.97
CA LEU A 302 12.53 -13.42 6.14
C LEU A 302 11.90 -12.02 6.24
N TYR A 303 11.20 -11.57 5.22
CA TYR A 303 10.54 -10.25 5.25
C TYR A 303 9.11 -10.46 5.72
N GLN A 304 8.99 -10.61 7.03
CA GLN A 304 7.75 -11.05 7.65
C GLN A 304 7.11 -9.93 8.47
N LEU A 305 6.52 -8.94 7.82
CA LEU A 305 5.81 -7.87 8.53
C LEU A 305 4.70 -8.52 9.35
N TYR A 306 4.03 -9.49 8.71
CA TYR A 306 3.02 -10.33 9.30
C TYR A 306 3.25 -11.76 8.80
N PRO A 307 2.73 -12.76 9.53
CA PRO A 307 2.91 -14.16 9.18
C PRO A 307 1.99 -14.67 8.09
N GLY A 308 2.40 -15.82 7.53
CA GLY A 308 1.61 -16.59 6.59
C GLY A 308 1.58 -16.00 5.20
N LYS A 309 2.49 -15.09 4.87
CA LYS A 309 2.32 -14.34 3.63
C LYS A 309 2.28 -15.30 2.44
N ILE A 310 1.35 -15.05 1.52
CA ILE A 310 1.34 -15.78 0.25
C ILE A 310 2.61 -15.43 -0.52
N CYS A 311 2.91 -16.18 -1.57
CA CYS A 311 4.08 -15.94 -2.44
C CYS A 311 5.39 -16.52 -1.86
N VAL A 312 5.42 -16.88 -0.58
CA VAL A 312 6.69 -17.27 0.07
C VAL A 312 7.26 -18.58 -0.48
N PHE A 313 6.43 -19.54 -0.85
CA PHE A 313 6.93 -20.81 -1.35
C PHE A 313 7.12 -20.90 -2.87
N GLU A 314 6.73 -19.84 -3.58
CA GLU A 314 6.85 -19.85 -5.03
C GLU A 314 8.30 -19.51 -5.44
N LYS A 315 8.65 -19.83 -6.68
CA LYS A 315 9.98 -19.57 -7.22
C LYS A 315 10.21 -18.08 -7.35
N ASP A 316 11.49 -17.70 -7.45
CA ASP A 316 11.92 -16.29 -7.47
C ASP A 316 11.20 -15.50 -8.52
N THR A 317 10.91 -16.14 -9.66
CA THR A 317 10.35 -15.39 -10.76
C THR A 317 8.86 -15.66 -11.01
N ALA A 318 8.20 -16.36 -10.08
CA ALA A 318 6.85 -16.81 -10.32
C ALA A 318 5.79 -15.69 -10.27
N CYS A 319 5.98 -14.68 -9.44
CA CYS A 319 4.90 -13.79 -9.11
C CYS A 319 4.46 -12.82 -10.20
N ILE A 320 5.37 -12.38 -11.07
CA ILE A 320 4.96 -11.53 -12.19
C ILE A 320 4.08 -12.34 -13.14
N PRO A 321 4.56 -13.51 -13.62
CA PRO A 321 3.66 -14.37 -14.40
C PRO A 321 2.33 -14.67 -13.72
N VAL A 323 0.56 -12.84 -11.57
CA VAL A 323 -0.36 -11.71 -11.61
C VAL A 323 -0.78 -11.41 -13.07
N MET A 324 0.05 -11.74 -14.06
CA MET A 324 -0.40 -11.54 -15.43
CA MET A 324 -0.34 -11.60 -15.48
C MET A 324 -1.55 -12.48 -15.77
N LYS A 325 -1.47 -13.73 -15.29
CA LYS A 325 -2.56 -14.68 -15.44
C LYS A 325 -3.76 -14.15 -14.70
N MET A 326 -3.54 -13.62 -13.50
CA MET A 326 -4.64 -13.12 -12.69
C MET A 326 -5.39 -12.01 -13.44
N ILE A 327 -4.64 -11.07 -13.97
CA ILE A 327 -5.19 -9.93 -14.69
C ILE A 327 -6.05 -10.43 -15.86
N GLU A 328 -5.58 -11.44 -16.59
CA GLU A 328 -6.31 -11.98 -17.74
C GLU A 328 -7.58 -12.68 -17.27
N LEU A 329 -7.51 -13.51 -16.23
CA LEU A 329 -8.72 -14.22 -15.80
C LEU A 329 -9.75 -13.30 -15.17
N LEU A 330 -9.33 -12.11 -14.71
CA LEU A 330 -10.25 -11.08 -14.24
C LEU A 330 -10.89 -10.28 -15.39
N GLY A 331 -10.49 -10.58 -16.62
CA GLY A 331 -10.97 -9.83 -17.79
C GLY A 331 -10.41 -8.41 -17.84
N ARG A 332 -9.22 -8.23 -17.30
CA ARG A 332 -8.54 -6.93 -17.26
C ARG A 332 -7.32 -6.94 -18.19
N LYS A 333 -6.56 -5.84 -18.21
CA LYS A 333 -5.41 -5.70 -19.13
C LYS A 333 -4.19 -5.26 -18.34
N PRO A 334 -2.95 -5.67 -18.71
CA PRO A 334 -1.82 -5.10 -17.96
C PRO A 334 -1.62 -3.64 -18.33
N GLY A 335 -1.06 -2.88 -17.42
CA GLY A 335 -0.69 -1.52 -17.70
C GLY A 335 0.30 -1.40 -18.85
N ARG A 336 0.08 -0.38 -19.68
CA ARG A 336 0.84 -0.19 -20.91
C ARG A 336 2.01 0.77 -20.72
N ASP A 337 1.92 1.64 -19.72
CA ASP A 337 2.93 2.69 -19.50
C ASP A 337 3.31 2.54 -18.02
N TRP A 338 3.91 3.57 -17.42
CA TRP A 338 4.33 3.47 -16.01
C TRP A 338 3.16 3.51 -15.02
N GLY A 339 1.95 3.82 -15.48
CA GLY A 339 0.79 3.77 -14.57
C GLY A 339 0.83 4.89 -13.55
N GLY A 340 1.37 6.05 -13.93
CA GLY A 340 1.28 7.22 -13.07
C GLY A 340 -0.15 7.69 -12.92
N ARG A 341 -0.43 8.48 -11.91
CA ARG A 341 -1.77 8.99 -11.73
C ARG A 341 -2.18 9.86 -12.92
N LYS A 342 -3.38 9.61 -13.44
CA LYS A 342 -3.94 10.37 -14.56
C LYS A 342 -5.12 11.12 -14.00
N ARG A 343 -4.86 12.36 -13.56
CA ARG A 343 -5.89 13.12 -12.88
C ARG A 343 -7.01 13.50 -13.83
N VAL A 344 -8.22 13.35 -13.34
CA VAL A 344 -9.43 13.77 -14.02
C VAL A 344 -9.95 14.92 -13.16
N PHE A 345 -9.71 16.16 -13.62
CA PHE A 345 -10.15 17.35 -12.88
C PHE A 345 -11.66 17.47 -12.95
N GLU A 346 -12.30 17.70 -11.83
CA GLU A 346 -13.73 17.82 -11.88
C GLU A 346 -14.21 18.90 -10.93
N THR A 347 -15.44 18.77 -10.45
CA THR A 347 -16.08 19.74 -9.57
C THR A 347 -16.26 19.08 -8.19
#